data_7Q3N
#
_entry.id   7Q3N
#
_cell.length_a   1.00
_cell.length_b   1.00
_cell.length_c   1.00
_cell.angle_alpha   90.00
_cell.angle_beta   90.00
_cell.angle_gamma   90.00
#
_symmetry.space_group_name_H-M   'P 1'
#
loop_
_entity.id
_entity.type
_entity.pdbx_description
1 polymer Uromodulin
2 polymer 'Type 1 fimbiral adhesin FimH'
3 branched 2-acetamido-2-deoxy-beta-D-glucopyranose-(1-4)-[alpha-L-fucopyranose-(1-6)]2-acetamido-2-deoxy-beta-D-glucopyranose
4 branched 2-acetamido-2-deoxy-beta-D-glucopyranose-(1-4)-2-acetamido-2-deoxy-beta-D-glucopyranose
5 branched beta-D-galactopyranose-(1-4)-2-acetamido-2-deoxy-beta-D-glucopyranose-(1-2)-alpha-D-mannopyranose-(1-3)-[2-acetamido-2-deoxy-beta-D-glucopyranose-(1-2)-alpha-D-mannopyranose-(1-6)]beta-D-mannopyranose-(1-4)-2-acetamido-2-deoxy-beta-D-glucopyranose-(1-4)-2-acetamido-2-deoxy-beta-D-glucopyranose
6 branched alpha-D-mannopyranose-(1-3)-[alpha-D-mannopyranose-(1-6)]alpha-D-mannopyranose-(1-6)-[alpha-D-mannopyranose-(1-3)]beta-D-mannopyranose-(1-4)-2-acetamido-2-deoxy-beta-D-glucopyranose-(1-4)-2-acetamido-2-deoxy-beta-D-glucopyranose
#
loop_
_entity_poly.entity_id
_entity_poly.type
_entity_poly.pdbx_seq_one_letter_code
_entity_poly.pdbx_strand_id
1 'polypeptide(L)'
;DTSEARWCSECHSNATCTEDEAVTTCTCQEGFTGDGLTCVDLDECAIPGAHNCSANSSCVNTPGSFSCVCPEGFRLSPGL
GCTDVDECAEPGLSHCHALATCVNVVGSYLCVCPAGYRGDGWHCECSPGSCGPGLDCVPEGDALVCADPCQAHRTLDEYW
RSTEYGEGYACDTDLRGWYRFVGQGGARMAETCVPVLRCNTAAPMWLNGTHPSSDEGIVSRKACAHWSGHCCLWDASVQV
KACAGGYYVYNLTAPPECHLAYCTDPSSVEGTCEECSIDEDCKSNNGRWHCQCKQDFNITDISLLEHRLECGANDMKVSL
GKCQLKSLGFDKVFMYLSDSRCSGFNDRDNRDWVSVVTPARDGPCGTVLTRNETHATYSNTLYLADEIIIRDLNIKINFA
CSYPLDMKVSLKTALQPMVSALNIRVGGTGMFTVRMALFQTPSYTQPYQGSSVTLSTEAFLYVGTMLDGGDLSRFALLMT
NCYATPSSNATDPLKYFIIQDRCPHTRDSTIQVVENGESSQGRFSVQMFRFAGNYDLVYLHCEVYLCDTMNEKCKPTCSG
TRF
;
U
2 'polypeptide(L)'
;FACKTANGTAIPIGGGSANVYVNLAPVVNVGQNLVVDLSTQIFCHNDYPETITDYVTLQRGAAYGGVLSSFSGTVKYNGS
SYPFPTTSETPRVVYNSRTDKPWPVALYLTPVSSAGGVAIKAGSLIAVLILRQTNNYNSDDFQFVWNIYANNDVVVPTGS
HHWGHHHHHHHH
;
F
#
loop_
_chem_comp.id
_chem_comp.type
_chem_comp.name
_chem_comp.formula
BMA D-saccharide, beta linking beta-D-mannopyranose 'C6 H12 O6'
FUC L-saccharide, alpha linking alpha-L-fucopyranose 'C6 H12 O5'
GAL D-saccharide, beta linking beta-D-galactopyranose 'C6 H12 O6'
MAN D-saccharide, alpha linking alpha-D-mannopyranose 'C6 H12 O6'
NAG D-saccharide, beta linking 2-acetamido-2-deoxy-beta-D-glucopyranose 'C8 H15 N O6'
#
# COMPACT_ATOMS: atom_id res chain seq x y z
N ASP A 1 -25.77 -33.22 45.95
CA ASP A 1 -26.56 -33.07 47.15
C ASP A 1 -28.03 -33.40 46.91
N THR A 2 -28.59 -32.86 45.83
CA THR A 2 -29.95 -33.17 45.40
C THR A 2 -30.01 -33.88 44.06
N SER A 3 -28.87 -34.11 43.41
CA SER A 3 -28.82 -34.68 42.06
C SER A 3 -28.13 -36.03 42.06
N GLU A 4 -28.44 -36.88 43.03
CA GLU A 4 -27.99 -38.27 43.00
C GLU A 4 -28.76 -39.00 41.90
N ALA A 5 -28.05 -39.58 40.95
CA ALA A 5 -28.64 -40.20 39.77
C ALA A 5 -28.56 -41.71 39.87
N ARG A 6 -29.63 -42.38 39.44
CA ARG A 6 -29.63 -43.83 39.40
C ARG A 6 -28.79 -44.37 38.24
N TRP A 7 -28.87 -43.72 37.07
CA TRP A 7 -28.10 -44.13 35.91
C TRP A 7 -27.56 -42.91 35.17
N CYS A 8 -26.49 -43.14 34.41
CA CYS A 8 -25.84 -42.08 33.65
C CYS A 8 -26.75 -41.51 32.56
N SER A 9 -27.83 -42.21 32.22
CA SER A 9 -28.78 -41.70 31.24
C SER A 9 -29.58 -40.51 31.76
N GLU A 10 -29.56 -40.28 33.07
CA GLU A 10 -30.27 -39.14 33.65
C GLU A 10 -29.49 -37.83 33.57
N CYS A 11 -28.19 -37.89 33.25
CA CYS A 11 -27.41 -36.67 33.11
C CYS A 11 -27.61 -36.10 31.71
N HIS A 12 -27.96 -34.82 31.65
CA HIS A 12 -28.13 -34.13 30.38
C HIS A 12 -26.76 -33.91 29.71
N SER A 13 -26.80 -33.71 28.39
CA SER A 13 -25.57 -33.51 27.63
C SER A 13 -24.81 -32.26 28.06
N ASN A 14 -25.47 -31.34 28.77
CA ASN A 14 -24.79 -30.17 29.33
C ASN A 14 -24.17 -30.45 30.69
N ALA A 15 -24.22 -31.70 31.15
CA ALA A 15 -23.62 -32.12 32.40
C ALA A 15 -22.63 -33.26 32.15
N THR A 16 -21.57 -33.30 32.94
CA THR A 16 -20.62 -34.40 32.90
C THR A 16 -21.10 -35.55 33.78
N CYS A 17 -20.74 -36.76 33.37
CA CYS A 17 -21.17 -37.99 34.03
C CYS A 17 -19.96 -38.75 34.57
N THR A 18 -20.02 -39.11 35.84
CA THR A 18 -18.94 -39.80 36.54
C THR A 18 -19.49 -41.11 37.11
N GLU A 19 -18.79 -42.21 36.83
CA GLU A 19 -19.18 -43.51 37.38
C GLU A 19 -18.24 -43.85 38.53
N ASP A 20 -18.74 -43.70 39.75
CA ASP A 20 -18.00 -44.02 40.98
C ASP A 20 -18.62 -45.29 41.58
N GLU A 21 -18.03 -46.44 41.23
CA GLU A 21 -18.54 -47.74 41.66
C GLU A 21 -19.98 -47.96 41.20
N ALA A 22 -20.28 -47.51 39.98
CA ALA A 22 -21.58 -47.59 39.32
C ALA A 22 -22.62 -46.67 39.95
N VAL A 23 -22.23 -45.84 40.92
CA VAL A 23 -23.10 -44.78 41.42
C VAL A 23 -22.90 -43.56 40.54
N THR A 24 -23.99 -43.06 39.96
CA THR A 24 -23.92 -41.95 39.02
C THR A 24 -24.39 -40.65 39.68
N THR A 25 -23.64 -39.58 39.44
CA THR A 25 -24.00 -38.24 39.90
C THR A 25 -23.90 -37.29 38.73
N CYS A 26 -24.87 -36.40 38.60
CA CYS A 26 -24.88 -35.39 37.53
C CYS A 26 -24.51 -34.06 38.16
N THR A 27 -23.32 -33.56 37.84
CA THR A 27 -22.85 -32.26 38.33
C THR A 27 -22.45 -31.42 37.13
N CYS A 28 -23.27 -30.44 36.78
CA CYS A 28 -22.92 -29.54 35.69
C CYS A 28 -21.80 -28.61 36.12
N GLN A 29 -20.91 -28.31 35.19
CA GLN A 29 -19.68 -27.57 35.45
C GLN A 29 -19.91 -26.08 35.29
N GLU A 30 -18.90 -25.29 35.68
CA GLU A 30 -19.04 -23.83 35.62
C GLU A 30 -19.36 -23.40 34.20
N GLY A 31 -20.35 -22.53 34.07
CA GLY A 31 -20.89 -22.15 32.78
C GLY A 31 -22.29 -22.68 32.57
N PHE A 32 -22.76 -23.53 33.47
CA PHE A 32 -24.13 -24.04 33.50
C PHE A 32 -24.66 -23.87 34.91
N THR A 33 -25.87 -23.34 35.04
CA THR A 33 -26.44 -23.00 36.33
C THR A 33 -27.68 -23.85 36.60
N GLY A 34 -27.69 -24.52 37.74
CA GLY A 34 -28.83 -25.33 38.12
C GLY A 34 -28.56 -26.06 39.42
N ASP A 35 -29.33 -27.12 39.64
CA ASP A 35 -29.17 -27.94 40.84
C ASP A 35 -28.30 -29.16 40.60
N GLY A 36 -27.75 -29.33 39.40
CA GLY A 36 -26.95 -30.48 39.08
C GLY A 36 -27.68 -31.50 38.22
N LEU A 37 -28.93 -31.78 38.57
CA LEU A 37 -29.73 -32.71 37.78
C LEU A 37 -30.04 -32.12 36.40
N THR A 38 -30.42 -30.84 36.36
CA THR A 38 -30.74 -30.16 35.11
C THR A 38 -30.18 -28.74 35.18
N CYS A 39 -29.40 -28.37 34.17
CA CYS A 39 -28.78 -27.05 34.12
C CYS A 39 -28.97 -26.49 32.73
N VAL A 40 -29.07 -25.17 32.65
CA VAL A 40 -29.35 -24.49 31.38
C VAL A 40 -28.12 -23.73 30.94
N ASP A 41 -28.09 -23.38 29.66
CA ASP A 41 -26.98 -22.60 29.10
C ASP A 41 -27.09 -21.17 29.64
N LEU A 42 -26.27 -20.87 30.65
CA LEU A 42 -26.24 -19.55 31.26
C LEU A 42 -24.84 -19.32 31.80
N ASP A 43 -24.33 -18.11 31.59
CA ASP A 43 -22.95 -17.82 31.97
C ASP A 43 -22.76 -17.98 33.48
N GLU A 44 -21.64 -18.59 33.86
CA GLU A 44 -21.31 -18.74 35.28
C GLU A 44 -21.05 -17.40 35.94
N CYS A 45 -21.00 -16.34 35.14
CA CYS A 45 -20.71 -14.99 35.61
C CYS A 45 -21.75 -14.47 36.58
N ALA A 46 -22.94 -15.08 36.64
CA ALA A 46 -24.02 -14.61 37.49
C ALA A 46 -24.63 -15.74 38.32
N ILE A 47 -23.82 -16.71 38.73
CA ILE A 47 -24.27 -17.79 39.60
C ILE A 47 -24.26 -17.30 41.04
N PRO A 48 -24.93 -17.99 41.98
CA PRO A 48 -24.61 -17.76 43.38
C PRO A 48 -23.16 -18.16 43.63
N GLY A 49 -22.47 -17.36 44.44
CA GLY A 49 -21.04 -17.46 44.53
C GLY A 49 -20.30 -16.61 43.52
N ALA A 50 -21.02 -16.12 42.50
CA ALA A 50 -20.51 -15.25 41.46
C ALA A 50 -19.36 -15.86 40.68
N HIS A 51 -18.67 -15.02 39.91
CA HIS A 51 -17.51 -15.39 39.12
C HIS A 51 -16.33 -14.55 39.53
N ASN A 52 -15.13 -14.97 39.12
CA ASN A 52 -13.91 -14.26 39.47
C ASN A 52 -13.12 -14.00 38.18
N CYS A 53 -13.56 -13.01 37.42
CA CYS A 53 -12.87 -12.54 36.23
C CYS A 53 -12.27 -11.17 36.53
N SER A 54 -11.29 -10.77 35.72
CA SER A 54 -10.73 -9.44 35.89
C SER A 54 -11.75 -8.41 35.42
N ALA A 55 -11.71 -7.24 36.04
CA ALA A 55 -12.67 -6.20 35.68
C ALA A 55 -12.50 -5.77 34.23
N ASN A 56 -11.25 -5.62 33.77
CA ASN A 56 -11.00 -5.22 32.39
C ASN A 56 -11.49 -6.28 31.41
N SER A 57 -11.26 -7.55 31.71
CA SER A 57 -11.71 -8.63 30.84
C SER A 57 -13.22 -8.83 30.97
N SER A 58 -13.81 -9.45 29.96
CA SER A 58 -15.23 -9.72 29.93
C SER A 58 -15.49 -11.20 30.19
N CYS A 59 -16.33 -11.48 31.18
CA CYS A 59 -16.66 -12.85 31.56
C CYS A 59 -17.52 -13.51 30.48
N VAL A 60 -17.07 -14.65 29.97
CA VAL A 60 -17.78 -15.38 28.92
C VAL A 60 -17.82 -16.86 29.25
N ASN A 61 -18.76 -17.55 28.61
CA ASN A 61 -18.97 -18.98 28.80
C ASN A 61 -18.44 -19.72 27.59
N THR A 62 -17.70 -20.79 27.84
CA THR A 62 -17.12 -21.66 26.83
C THR A 62 -17.66 -23.08 26.98
N PRO A 63 -17.55 -23.91 25.93
CA PRO A 63 -18.09 -25.28 26.04
C PRO A 63 -17.28 -26.17 26.97
N GLY A 64 -17.68 -26.18 28.24
CA GLY A 64 -17.03 -26.96 29.28
C GLY A 64 -16.63 -26.15 30.48
N SER A 65 -16.59 -24.83 30.34
CA SER A 65 -16.28 -23.94 31.44
C SER A 65 -16.74 -22.53 31.07
N PHE A 66 -16.94 -21.69 32.08
CA PHE A 66 -16.97 -20.28 31.80
C PHE A 66 -15.55 -19.76 31.81
N SER A 67 -15.29 -18.73 31.02
CA SER A 67 -13.93 -18.27 30.84
C SER A 67 -13.85 -16.75 30.82
N CYS A 68 -12.64 -16.26 31.09
CA CYS A 68 -12.37 -14.83 31.20
C CYS A 68 -11.45 -14.56 30.02
N VAL A 69 -11.99 -13.99 28.95
CA VAL A 69 -11.22 -13.71 27.76
C VAL A 69 -10.80 -12.25 27.82
N CYS A 70 -9.52 -12.04 28.09
CA CYS A 70 -8.93 -10.73 28.13
C CYS A 70 -9.02 -10.09 26.75
N PRO A 71 -8.84 -8.77 26.65
CA PRO A 71 -8.49 -8.20 25.35
C PRO A 71 -7.21 -8.82 24.83
N GLU A 72 -7.12 -8.96 23.51
CA GLU A 72 -6.00 -9.71 22.94
C GLU A 72 -4.68 -8.99 23.19
N GLY A 73 -3.60 -9.77 23.12
CA GLY A 73 -2.31 -9.34 23.59
C GLY A 73 -2.06 -9.68 25.05
N PHE A 74 -3.09 -10.17 25.75
CA PHE A 74 -3.00 -10.61 27.13
C PHE A 74 -3.82 -11.88 27.27
N ARG A 75 -3.37 -12.79 28.13
CA ARG A 75 -4.10 -14.02 28.39
C ARG A 75 -4.25 -14.26 29.88
N LEU A 76 -5.34 -14.93 30.23
CA LEU A 76 -5.68 -15.20 31.63
C LEU A 76 -4.81 -16.31 32.20
N SER A 77 -4.18 -16.03 33.33
CA SER A 77 -3.53 -17.05 34.13
C SER A 77 -4.30 -17.18 35.43
N PRO A 78 -4.86 -18.34 35.76
CA PRO A 78 -5.71 -18.46 36.96
C PRO A 78 -4.94 -18.04 38.19
N GLY A 79 -5.52 -17.09 38.93
CA GLY A 79 -4.91 -16.55 40.13
C GLY A 79 -4.33 -15.17 39.94
N LEU A 80 -3.97 -14.81 38.71
CA LEU A 80 -3.34 -13.54 38.40
C LEU A 80 -4.17 -12.64 37.50
N GLY A 81 -5.30 -13.12 36.95
CA GLY A 81 -6.04 -12.28 36.04
C GLY A 81 -5.36 -12.21 34.69
N CYS A 82 -5.55 -11.10 34.00
CA CYS A 82 -4.93 -10.92 32.69
C CYS A 82 -3.44 -10.68 32.85
N THR A 83 -2.64 -11.63 32.38
CA THR A 83 -1.19 -11.57 32.49
C THR A 83 -0.62 -11.14 31.14
N ASP A 84 0.44 -10.35 31.17
CA ASP A 84 1.07 -9.94 29.92
C ASP A 84 1.72 -11.14 29.26
N VAL A 85 1.40 -11.36 27.99
CA VAL A 85 2.00 -12.42 27.20
C VAL A 85 2.00 -11.99 25.74
N ASP A 86 3.06 -12.34 25.02
CA ASP A 86 3.15 -12.01 23.60
C ASP A 86 2.36 -13.06 22.82
N GLU A 87 1.10 -12.74 22.50
CA GLU A 87 0.27 -13.67 21.74
C GLU A 87 0.92 -14.02 20.41
N CYS A 88 1.77 -13.14 19.88
CA CYS A 88 2.42 -13.41 18.60
C CYS A 88 3.38 -14.59 18.69
N ALA A 89 3.75 -15.00 19.90
CA ALA A 89 4.57 -16.19 20.10
C ALA A 89 3.76 -17.48 20.04
N GLU A 90 2.45 -17.40 20.29
CA GLU A 90 1.60 -18.58 20.34
C GLU A 90 0.82 -18.70 19.04
N PRO A 91 0.92 -19.82 18.32
CA PRO A 91 0.18 -19.96 17.06
C PRO A 91 -1.32 -20.15 17.24
N GLY A 92 -1.82 -20.30 18.47
CA GLY A 92 -3.24 -20.39 18.71
C GLY A 92 -3.92 -19.08 19.00
N LEU A 93 -3.16 -17.99 19.12
CA LEU A 93 -3.71 -16.68 19.39
C LEU A 93 -3.51 -15.69 18.26
N SER A 94 -2.53 -15.93 17.38
CA SER A 94 -2.18 -15.05 16.28
C SER A 94 -2.14 -15.88 15.00
N HIS A 95 -2.88 -15.44 13.99
CA HIS A 95 -3.02 -16.19 12.75
C HIS A 95 -2.62 -15.33 11.55
N CYS A 96 -1.52 -14.60 11.71
CA CYS A 96 -1.06 -13.65 10.70
C CYS A 96 -0.75 -14.33 9.38
N HIS A 97 -0.85 -13.56 8.31
CA HIS A 97 -0.32 -13.97 7.02
C HIS A 97 1.16 -14.32 7.16
N ALA A 98 1.60 -15.32 6.41
CA ALA A 98 2.94 -15.88 6.60
C ALA A 98 4.02 -14.80 6.45
N LEU A 99 3.86 -13.91 5.48
CA LEU A 99 4.82 -12.83 5.29
C LEU A 99 4.64 -11.70 6.29
N ALA A 100 3.46 -11.58 6.90
CA ALA A 100 3.19 -10.47 7.80
C ALA A 100 3.76 -10.75 9.19
N THR A 101 4.28 -9.70 9.82
CA THR A 101 4.89 -9.80 11.14
C THR A 101 3.86 -9.39 12.19
N CYS A 102 3.56 -10.30 13.11
CA CYS A 102 2.68 -10.00 14.23
C CYS A 102 3.38 -9.03 15.19
N VAL A 103 2.68 -7.95 15.55
CA VAL A 103 3.12 -7.05 16.60
C VAL A 103 2.06 -7.02 17.70
N ASN A 104 2.53 -7.02 18.94
CA ASN A 104 1.65 -7.06 20.10
C ASN A 104 1.29 -5.65 20.56
N VAL A 105 -0.01 -5.38 20.71
CA VAL A 105 -0.51 -4.08 21.13
C VAL A 105 -1.55 -4.30 22.22
N VAL A 106 -1.90 -3.20 22.90
CA VAL A 106 -2.90 -3.25 23.97
C VAL A 106 -4.28 -3.47 23.36
N GLY A 107 -4.92 -4.59 23.70
CA GLY A 107 -6.27 -4.87 23.27
C GLY A 107 -6.38 -5.70 22.00
N SER A 108 -5.26 -5.99 21.33
CA SER A 108 -5.29 -6.77 20.09
C SER A 108 -3.90 -7.29 19.81
N TYR A 109 -3.81 -8.25 18.90
CA TYR A 109 -2.61 -8.42 18.11
C TYR A 109 -2.83 -7.83 16.72
N LEU A 110 -1.76 -7.31 16.14
CA LEU A 110 -1.81 -6.69 14.82
C LEU A 110 -0.75 -7.33 13.94
N CYS A 111 -1.17 -7.84 12.79
CA CYS A 111 -0.23 -8.37 11.80
C CYS A 111 0.24 -7.23 10.93
N VAL A 112 1.54 -6.92 10.98
CA VAL A 112 2.10 -5.86 10.15
C VAL A 112 3.22 -6.43 9.29
N CYS A 113 3.00 -6.47 7.98
CA CYS A 113 4.05 -6.81 7.05
C CYS A 113 5.11 -5.69 7.04
N PRO A 114 6.37 -6.01 6.74
CA PRO A 114 7.42 -4.99 6.80
C PRO A 114 7.19 -3.77 5.93
N ALA A 115 7.88 -2.70 6.33
CA ALA A 115 7.75 -1.38 5.71
C ALA A 115 8.03 -1.42 4.21
N GLY A 116 7.21 -0.69 3.45
CA GLY A 116 7.29 -0.64 2.01
C GLY A 116 6.15 -1.33 1.29
N TYR A 117 5.61 -2.39 1.88
CA TYR A 117 4.49 -3.09 1.28
C TYR A 117 3.19 -2.31 1.47
N ARG A 118 2.27 -2.51 0.52
CA ARG A 118 0.95 -1.87 0.53
C ARG A 118 -0.11 -2.93 0.85
N GLY A 119 -0.58 -2.94 2.09
CA GLY A 119 -1.60 -3.89 2.46
C GLY A 119 -2.18 -3.58 3.82
N ASP A 120 -3.29 -4.27 4.13
CA ASP A 120 -4.01 -4.12 5.37
C ASP A 120 -3.56 -5.11 6.43
N GLY A 121 -2.36 -5.65 6.30
CA GLY A 121 -1.82 -6.63 7.20
C GLY A 121 -2.02 -8.06 6.78
N TRP A 122 -2.93 -8.32 5.85
CA TRP A 122 -3.14 -9.68 5.33
C TRP A 122 -2.66 -9.84 3.92
N HIS A 123 -2.89 -8.85 3.05
CA HIS A 123 -2.50 -8.92 1.63
C HIS A 123 -1.69 -7.67 1.28
N CYS A 124 -0.39 -7.73 1.50
CA CYS A 124 0.50 -6.60 1.18
C CYS A 124 0.91 -6.64 -0.28
N GLU A 125 0.11 -5.99 -1.11
CA GLU A 125 0.37 -5.91 -2.55
C GLU A 125 1.48 -4.89 -2.77
N CYS A 126 2.71 -5.36 -2.92
CA CYS A 126 3.84 -4.46 -3.08
C CYS A 126 3.87 -3.92 -4.51
N SER A 127 4.63 -2.85 -4.69
CA SER A 127 4.78 -2.27 -6.01
C SER A 127 6.21 -2.45 -6.49
N PRO A 128 6.40 -2.68 -7.79
CA PRO A 128 7.75 -2.94 -8.32
C PRO A 128 8.67 -1.75 -8.10
N GLY A 129 9.79 -2.01 -7.45
CA GLY A 129 10.75 -1.00 -7.11
C GLY A 129 10.71 -0.54 -5.67
N SER A 130 9.91 -1.21 -4.83
CA SER A 130 9.78 -0.89 -3.42
C SER A 130 10.53 -1.87 -2.53
N CYS A 131 10.91 -3.03 -3.06
CA CYS A 131 11.53 -4.07 -2.28
C CYS A 131 12.98 -3.70 -1.95
N GLY A 132 13.56 -4.41 -1.00
CA GLY A 132 14.96 -4.26 -0.68
C GLY A 132 15.85 -4.81 -1.79
N PRO A 133 17.15 -4.56 -1.70
CA PRO A 133 18.04 -4.90 -2.81
C PRO A 133 18.13 -6.40 -3.03
N GLY A 134 18.29 -6.77 -4.29
CA GLY A 134 18.35 -8.17 -4.68
C GLY A 134 16.99 -8.79 -4.92
N LEU A 135 15.91 -8.11 -4.56
CA LEU A 135 14.55 -8.61 -4.70
C LEU A 135 13.69 -7.56 -5.39
N ASP A 136 12.64 -8.02 -6.05
CA ASP A 136 11.64 -7.12 -6.61
C ASP A 136 10.26 -7.78 -6.52
N CYS A 137 9.23 -6.94 -6.47
CA CYS A 137 7.88 -7.42 -6.27
C CYS A 137 7.37 -8.09 -7.54
N VAL A 138 7.06 -9.38 -7.44
CA VAL A 138 6.53 -10.15 -8.56
C VAL A 138 5.35 -10.97 -8.07
N PRO A 139 4.44 -11.33 -8.96
CA PRO A 139 3.31 -12.18 -8.54
C PRO A 139 3.75 -13.62 -8.35
N GLU A 140 3.09 -14.28 -7.40
CA GLU A 140 3.25 -15.71 -7.18
C GLU A 140 1.86 -16.29 -6.91
N GLY A 141 1.28 -16.92 -7.93
CA GLY A 141 -0.06 -17.46 -7.78
C GLY A 141 -1.13 -16.40 -7.86
N ASP A 142 -1.57 -15.91 -6.69
CA ASP A 142 -2.61 -14.89 -6.62
C ASP A 142 -2.22 -13.75 -5.67
N ALA A 143 -0.94 -13.58 -5.39
CA ALA A 143 -0.47 -12.57 -4.46
C ALA A 143 0.84 -11.99 -4.98
N LEU A 144 1.22 -10.84 -4.41
CA LEU A 144 2.46 -10.17 -4.78
C LEU A 144 3.50 -10.38 -3.68
N VAL A 145 4.71 -10.78 -4.10
CA VAL A 145 5.82 -11.01 -3.19
C VAL A 145 7.07 -10.39 -3.79
N CYS A 146 8.03 -10.09 -2.92
CA CYS A 146 9.35 -9.65 -3.36
C CYS A 146 10.24 -10.86 -3.60
N ALA A 147 10.75 -11.00 -4.82
CA ALA A 147 11.61 -12.12 -5.16
C ALA A 147 12.76 -11.64 -6.03
N ASP A 148 13.78 -12.46 -6.13
CA ASP A 148 14.95 -12.13 -6.95
C ASP A 148 14.58 -12.24 -8.43
N PRO A 149 14.64 -11.15 -9.19
CA PRO A 149 14.30 -11.24 -10.63
C PRO A 149 15.19 -12.19 -11.41
N CYS A 150 16.39 -12.51 -10.92
CA CYS A 150 17.28 -13.43 -11.63
C CYS A 150 16.78 -14.87 -11.65
N GLN A 151 15.75 -15.21 -10.87
CA GLN A 151 15.15 -16.54 -10.90
C GLN A 151 13.68 -16.54 -11.28
N ALA A 152 13.03 -15.37 -11.30
CA ALA A 152 11.61 -15.27 -11.62
C ALA A 152 11.38 -14.67 -12.99
N HIS A 153 12.43 -14.30 -13.70
CA HIS A 153 12.32 -13.71 -15.04
C HIS A 153 11.85 -14.75 -16.04
N ARG A 154 11.24 -14.25 -17.12
CA ARG A 154 10.95 -15.07 -18.29
C ARG A 154 12.14 -15.05 -19.24
N THR A 155 12.03 -15.84 -20.30
CA THR A 155 13.08 -15.88 -21.31
C THR A 155 12.46 -15.83 -22.70
N LEU A 156 13.18 -15.21 -23.63
CA LEU A 156 12.75 -15.05 -25.01
C LEU A 156 13.86 -15.51 -25.95
N ASP A 157 13.47 -16.19 -27.02
CA ASP A 157 14.40 -16.63 -28.06
C ASP A 157 13.86 -16.20 -29.43
N GLU A 158 13.42 -14.94 -29.51
CA GLU A 158 12.83 -14.40 -30.73
C GLU A 158 13.94 -13.87 -31.62
N TYR A 159 14.38 -14.70 -32.58
CA TYR A 159 15.45 -14.29 -33.49
C TYR A 159 15.03 -13.13 -34.39
N TRP A 160 13.73 -12.85 -34.48
CA TRP A 160 13.24 -11.72 -35.27
C TRP A 160 13.72 -10.38 -34.72
N ARG A 161 14.11 -10.33 -33.45
CA ARG A 161 14.52 -9.08 -32.82
C ARG A 161 15.93 -8.65 -33.20
N SER A 162 16.68 -9.48 -33.93
CA SER A 162 18.02 -9.11 -34.33
C SER A 162 17.97 -7.91 -35.26
N THR A 163 18.99 -7.05 -35.16
CA THR A 163 18.94 -5.74 -35.80
C THR A 163 18.97 -5.80 -37.32
N GLU A 164 19.46 -6.89 -37.91
CA GLU A 164 19.46 -7.01 -39.36
C GLU A 164 18.16 -7.56 -39.92
N TYR A 165 17.25 -8.02 -39.07
CA TYR A 165 16.01 -8.66 -39.51
C TYR A 165 15.01 -7.58 -39.84
N GLY A 166 14.99 -7.16 -41.10
CA GLY A 166 14.07 -6.11 -41.50
C GLY A 166 12.71 -6.59 -41.96
N GLU A 167 12.64 -7.83 -42.45
CA GLU A 167 11.37 -8.38 -42.89
C GLU A 167 10.49 -8.72 -41.70
N GLY A 168 9.19 -8.47 -41.85
CA GLY A 168 8.20 -8.91 -40.88
C GLY A 168 7.39 -7.76 -40.34
N TYR A 169 6.57 -8.08 -39.33
CA TYR A 169 5.64 -7.14 -38.73
C TYR A 169 5.35 -7.62 -37.31
N ALA A 170 5.51 -6.73 -36.32
CA ALA A 170 5.36 -7.14 -34.94
C ALA A 170 4.72 -6.02 -34.11
N CYS A 171 4.40 -6.37 -32.86
CA CYS A 171 3.80 -5.45 -31.90
C CYS A 171 4.08 -6.00 -30.51
N ASP A 172 4.86 -5.28 -29.71
CA ASP A 172 5.27 -5.74 -28.38
C ASP A 172 4.28 -5.39 -27.27
N THR A 173 2.98 -5.29 -27.59
CA THR A 173 1.98 -5.03 -26.55
C THR A 173 1.84 -6.19 -25.57
N ASP A 174 2.40 -7.36 -25.86
CA ASP A 174 2.26 -8.54 -25.02
C ASP A 174 3.41 -8.71 -24.02
N LEU A 175 4.37 -7.80 -24.01
CA LEU A 175 5.57 -7.93 -23.17
C LEU A 175 5.35 -7.19 -21.85
N ARG A 176 5.33 -7.94 -20.75
CA ARG A 176 5.22 -7.35 -19.43
C ARG A 176 5.85 -8.31 -18.43
N GLY A 177 6.62 -7.77 -17.51
CA GLY A 177 7.34 -8.56 -16.53
C GLY A 177 8.83 -8.55 -16.77
N TRP A 178 9.51 -9.54 -16.19
CA TRP A 178 10.95 -9.67 -16.35
C TRP A 178 11.20 -10.69 -17.46
N TYR A 179 12.18 -10.40 -18.32
CA TYR A 179 12.48 -11.27 -19.44
C TYR A 179 14.00 -11.44 -19.57
N ARG A 180 14.38 -12.45 -20.34
CA ARG A 180 15.76 -12.70 -20.70
C ARG A 180 15.81 -13.06 -22.18
N PHE A 181 16.92 -12.74 -22.84
CA PHE A 181 17.13 -13.13 -24.22
C PHE A 181 18.18 -14.23 -24.29
N VAL A 182 17.86 -15.30 -25.03
CA VAL A 182 18.74 -16.44 -25.17
C VAL A 182 18.78 -16.90 -26.62
N GLY A 183 19.85 -17.62 -26.95
CA GLY A 183 19.97 -18.24 -28.26
C GLY A 183 20.10 -17.23 -29.39
N GLN A 184 19.32 -17.44 -30.45
CA GLN A 184 19.31 -16.54 -31.59
C GLN A 184 18.56 -15.25 -31.32
N GLY A 185 17.86 -15.16 -30.20
CA GLY A 185 17.18 -13.93 -29.82
C GLY A 185 18.09 -12.88 -29.26
N GLY A 186 19.37 -13.16 -29.19
CA GLY A 186 20.38 -12.23 -28.72
C GLY A 186 20.71 -12.43 -27.24
N ALA A 187 21.84 -11.87 -26.84
CA ALA A 187 22.29 -11.97 -25.46
C ALA A 187 21.79 -10.82 -24.59
N ARG A 188 21.65 -9.63 -25.18
CA ARG A 188 21.30 -8.45 -24.41
C ARG A 188 20.59 -7.44 -25.31
N MET A 189 19.94 -6.48 -24.66
CA MET A 189 19.20 -5.44 -25.37
C MET A 189 20.13 -4.63 -26.26
N ALA A 190 19.61 -4.21 -27.42
CA ALA A 190 20.41 -3.38 -28.32
C ALA A 190 20.72 -2.04 -27.65
N GLU A 191 21.94 -1.57 -27.82
CA GLU A 191 22.41 -0.34 -27.18
C GLU A 191 22.65 0.80 -28.16
N THR A 192 22.19 0.70 -29.41
CA THR A 192 22.44 1.72 -30.40
C THR A 192 21.22 1.92 -31.27
N CYS A 193 21.20 3.03 -32.00
CA CYS A 193 20.08 3.32 -32.89
C CYS A 193 20.01 2.28 -34.00
N VAL A 194 18.83 1.71 -34.18
CA VAL A 194 18.59 0.66 -35.17
C VAL A 194 17.79 1.29 -36.32
N PRO A 195 18.21 1.09 -37.56
CA PRO A 195 17.48 1.71 -38.69
C PRO A 195 16.02 1.29 -38.72
N VAL A 196 15.19 2.15 -39.32
CA VAL A 196 13.77 1.84 -39.44
C VAL A 196 13.57 0.57 -40.27
N LEU A 197 12.43 -0.07 -40.05
CA LEU A 197 12.09 -1.33 -40.72
C LEU A 197 13.15 -2.40 -40.47
N ARG A 198 13.52 -2.56 -39.20
CA ARG A 198 14.40 -3.63 -38.75
C ARG A 198 13.79 -4.31 -37.54
N CYS A 199 14.44 -5.40 -37.11
CA CYS A 199 13.99 -6.17 -35.95
C CYS A 199 12.56 -6.68 -36.15
N ASN A 200 12.25 -7.06 -37.40
CA ASN A 200 10.93 -7.47 -37.86
C ASN A 200 9.79 -6.52 -37.45
N THR A 201 10.10 -5.29 -37.08
CA THR A 201 9.05 -4.34 -36.73
C THR A 201 9.16 -3.08 -37.60
N ALA A 202 8.09 -2.29 -37.58
CA ALA A 202 8.08 -1.03 -38.32
C ALA A 202 9.03 -0.01 -37.71
N ALA A 203 8.98 0.15 -36.39
CA ALA A 203 9.81 1.10 -35.68
C ALA A 203 10.58 0.36 -34.60
N PRO A 204 11.91 0.35 -34.62
CA PRO A 204 12.69 -0.40 -33.66
C PRO A 204 13.04 0.38 -32.40
N MET A 205 13.11 -0.34 -31.29
CA MET A 205 13.40 0.23 -29.98
C MET A 205 14.73 -0.28 -29.48
N TRP A 206 15.48 0.57 -28.79
CA TRP A 206 16.82 0.20 -28.35
C TRP A 206 17.16 0.87 -27.03
N LEU A 207 18.11 0.27 -26.32
CA LEU A 207 18.51 0.72 -25.00
C LEU A 207 19.51 1.86 -25.12
N ASN A 208 19.30 2.92 -24.35
CA ASN A 208 20.14 4.10 -24.40
C ASN A 208 20.84 4.26 -23.06
N GLY A 209 22.16 4.13 -23.07
CA GLY A 209 22.93 3.69 -21.93
C GLY A 209 23.39 2.25 -22.07
N THR A 210 24.45 1.91 -21.34
CA THR A 210 25.04 0.58 -21.39
C THR A 210 24.55 -0.28 -20.23
N HIS A 211 24.68 -1.59 -20.40
CA HIS A 211 24.33 -2.52 -19.34
C HIS A 211 25.25 -2.33 -18.14
N PRO A 212 24.75 -2.51 -16.93
CA PRO A 212 25.57 -2.27 -15.74
C PRO A 212 26.59 -3.38 -15.52
N SER A 213 27.44 -3.16 -14.52
CA SER A 213 28.38 -4.18 -14.10
C SER A 213 27.64 -5.36 -13.49
N SER A 214 28.31 -6.51 -13.48
CA SER A 214 27.73 -7.72 -12.93
C SER A 214 27.33 -7.51 -11.47
N ASP A 215 26.15 -8.02 -11.12
CA ASP A 215 25.58 -7.96 -9.78
C ASP A 215 25.29 -6.52 -9.34
N GLU A 216 25.17 -5.59 -10.29
CA GLU A 216 24.59 -4.30 -9.95
C GLU A 216 23.08 -4.44 -9.79
N GLY A 217 22.52 -3.63 -8.90
CA GLY A 217 21.11 -3.71 -8.60
C GLY A 217 20.24 -3.13 -9.72
N ILE A 218 18.95 -3.05 -9.40
CA ILE A 218 17.95 -2.52 -10.33
C ILE A 218 18.14 -1.00 -10.45
N VAL A 219 18.54 -0.55 -11.62
CA VAL A 219 18.70 0.87 -11.91
C VAL A 219 17.82 1.21 -13.11
N SER A 220 17.04 2.29 -12.98
CA SER A 220 16.25 2.76 -14.11
C SER A 220 17.16 3.37 -15.18
N ARG A 221 16.94 2.97 -16.42
CA ARG A 221 17.67 3.48 -17.57
C ARG A 221 16.67 3.92 -18.63
N LYS A 222 17.15 4.75 -19.55
CA LYS A 222 16.33 5.25 -20.63
C LYS A 222 16.37 4.33 -21.83
N ALA A 223 15.37 4.49 -22.71
CA ALA A 223 15.27 3.70 -23.92
C ALA A 223 14.64 4.54 -25.01
N CYS A 224 15.09 4.35 -26.25
CA CYS A 224 14.67 5.16 -27.37
C CYS A 224 14.16 4.29 -28.50
N ALA A 225 13.40 4.91 -29.40
CA ALA A 225 12.91 4.26 -30.61
C ALA A 225 13.26 5.12 -31.81
N HIS A 226 13.33 4.48 -32.98
CA HIS A 226 13.67 5.16 -34.22
C HIS A 226 12.53 5.04 -35.22
N TRP A 227 12.03 6.18 -35.70
CA TRP A 227 11.05 6.19 -36.77
C TRP A 227 11.26 7.45 -37.60
N SER A 228 10.85 7.38 -38.87
CA SER A 228 11.11 8.43 -39.86
C SER A 228 12.61 8.69 -39.92
N GLY A 229 13.02 9.88 -40.34
CA GLY A 229 14.42 10.22 -40.35
C GLY A 229 14.95 10.83 -39.07
N HIS A 230 14.46 10.35 -37.92
CA HIS A 230 14.84 10.88 -36.63
C HIS A 230 14.90 9.71 -35.66
N CYS A 231 15.86 9.75 -34.73
CA CYS A 231 16.08 8.63 -33.83
C CYS A 231 16.03 9.07 -32.39
N CYS A 232 15.19 8.38 -31.61
CA CYS A 232 14.85 8.73 -30.22
C CYS A 232 14.10 10.07 -30.18
N LEU A 233 13.10 10.20 -31.07
CA LEU A 233 12.12 11.27 -30.93
C LEU A 233 11.32 11.12 -29.63
N TRP A 234 11.06 9.89 -29.20
CA TRP A 234 10.36 9.61 -27.95
C TRP A 234 11.25 8.78 -27.05
N ASP A 235 11.25 9.10 -25.76
CA ASP A 235 12.14 8.49 -24.79
C ASP A 235 11.33 7.85 -23.67
N ALA A 236 11.70 6.63 -23.32
CA ALA A 236 11.03 5.83 -22.29
C ALA A 236 12.03 5.53 -21.19
N SER A 237 11.59 4.76 -20.20
CA SER A 237 12.45 4.32 -19.11
C SER A 237 12.28 2.83 -18.88
N VAL A 238 13.39 2.13 -18.71
CA VAL A 238 13.39 0.71 -18.42
C VAL A 238 14.36 0.45 -17.27
N GLN A 239 14.27 -0.74 -16.70
CA GLN A 239 15.13 -1.17 -15.60
C GLN A 239 15.89 -2.42 -15.97
N VAL A 240 17.18 -2.46 -15.61
CA VAL A 240 18.05 -3.59 -15.93
C VAL A 240 18.76 -4.00 -14.65
N LYS A 241 18.74 -5.30 -14.36
CA LYS A 241 19.50 -5.89 -13.27
C LYS A 241 20.48 -6.90 -13.83
N ALA A 242 21.69 -6.92 -13.27
CA ALA A 242 22.68 -7.93 -13.64
C ALA A 242 22.57 -9.14 -12.72
N CYS A 243 22.79 -10.32 -13.29
CA CYS A 243 22.60 -11.57 -12.58
C CYS A 243 23.88 -12.41 -12.60
N ALA A 244 23.99 -13.29 -11.60
CA ALA A 244 25.07 -14.26 -11.59
C ALA A 244 24.95 -15.17 -12.81
N GLY A 245 26.09 -15.53 -13.39
CA GLY A 245 26.12 -16.26 -14.64
C GLY A 245 26.41 -15.39 -15.84
N GLY A 246 26.42 -14.08 -15.68
CA GLY A 246 26.76 -13.17 -16.76
C GLY A 246 25.62 -12.82 -17.69
N TYR A 247 24.39 -12.74 -17.18
CA TYR A 247 23.24 -12.35 -17.99
C TYR A 247 22.49 -11.24 -17.29
N TYR A 248 21.66 -10.55 -18.06
CA TYR A 248 20.86 -9.43 -17.58
C TYR A 248 19.38 -9.76 -17.72
N VAL A 249 18.58 -9.22 -16.79
CA VAL A 249 17.14 -9.34 -16.85
C VAL A 249 16.53 -7.95 -16.99
N TYR A 250 15.44 -7.88 -17.76
CA TYR A 250 14.91 -6.62 -18.28
C TYR A 250 13.43 -6.45 -17.99
N ASN A 251 13.05 -5.23 -17.62
CA ASN A 251 11.65 -4.85 -17.41
C ASN A 251 11.04 -4.44 -18.74
N LEU A 252 10.39 -5.40 -19.40
CA LEU A 252 9.79 -5.15 -20.70
C LEU A 252 8.37 -4.64 -20.49
N THR A 253 8.06 -3.51 -21.10
CA THR A 253 6.77 -2.85 -20.94
C THR A 253 6.23 -2.53 -22.31
N ALA A 254 4.91 -2.62 -22.46
CA ALA A 254 4.29 -2.35 -23.75
C ALA A 254 4.63 -0.94 -24.23
N PRO A 255 4.64 -0.70 -25.53
CA PRO A 255 4.96 0.63 -26.05
C PRO A 255 3.70 1.48 -26.15
N PRO A 256 3.82 2.73 -26.61
CA PRO A 256 2.62 3.55 -26.82
C PRO A 256 1.90 3.26 -28.12
N GLU A 257 2.53 2.54 -29.05
CA GLU A 257 1.91 2.20 -30.32
C GLU A 257 1.94 0.70 -30.54
N CYS A 258 1.58 0.26 -31.74
CA CYS A 258 1.59 -1.16 -32.08
C CYS A 258 2.60 -1.47 -33.18
N HIS A 259 3.57 -0.57 -33.42
CA HIS A 259 4.63 -0.79 -34.39
C HIS A 259 5.99 -0.56 -33.75
N LEU A 260 6.08 -0.80 -32.44
CA LEU A 260 7.31 -0.61 -31.68
C LEU A 260 7.73 -1.95 -31.09
N ALA A 261 9.01 -2.30 -31.26
CA ALA A 261 9.51 -3.57 -30.75
C ALA A 261 10.96 -3.40 -30.34
N TYR A 262 11.32 -4.04 -29.22
CA TYR A 262 12.68 -4.00 -28.73
C TYR A 262 13.61 -4.85 -29.58
N CYS A 263 14.70 -4.26 -30.03
CA CYS A 263 15.79 -4.96 -30.70
C CYS A 263 16.74 -5.58 -29.69
N THR A 264 17.47 -6.61 -30.14
CA THR A 264 18.49 -7.23 -29.31
C THR A 264 19.80 -7.31 -30.08
N ASP A 265 20.91 -7.22 -29.35
CA ASP A 265 22.22 -7.36 -29.96
C ASP A 265 22.59 -8.83 -30.11
N PRO A 266 23.39 -9.16 -31.13
CA PRO A 266 23.85 -10.54 -31.30
C PRO A 266 24.66 -10.98 -30.09
N SER A 267 24.56 -12.26 -29.76
CA SER A 267 25.19 -12.76 -28.54
C SER A 267 26.71 -12.72 -28.62
N SER A 268 27.27 -12.91 -29.81
CA SER A 268 28.70 -12.82 -30.09
C SER A 268 29.54 -13.48 -28.99
N VAL A 269 29.29 -14.78 -28.80
CA VAL A 269 30.04 -15.54 -27.80
C VAL A 269 31.27 -16.13 -28.46
N GLU A 270 31.65 -15.60 -29.61
CA GLU A 270 32.82 -16.05 -30.35
C GLU A 270 33.73 -14.86 -30.61
N GLY A 271 35.03 -15.08 -30.51
CA GLY A 271 35.97 -14.04 -30.90
C GLY A 271 36.03 -13.84 -32.40
N THR A 272 35.71 -14.88 -33.16
CA THR A 272 35.65 -14.84 -34.62
C THR A 272 34.26 -15.25 -35.04
N CYS A 273 33.62 -14.43 -35.88
CA CYS A 273 32.24 -14.63 -36.30
C CYS A 273 32.16 -15.66 -37.44
N GLU A 274 32.49 -16.91 -37.10
CA GLU A 274 32.56 -17.97 -38.10
C GLU A 274 31.17 -18.42 -38.56
N GLU A 275 30.10 -17.86 -38.01
CA GLU A 275 28.77 -18.06 -38.58
C GLU A 275 28.53 -17.16 -39.78
N CYS A 276 29.43 -16.22 -40.03
CA CYS A 276 29.45 -15.44 -41.26
C CYS A 276 30.39 -16.08 -42.28
N SER A 277 30.15 -15.74 -43.55
CA SER A 277 30.90 -16.36 -44.64
C SER A 277 32.38 -16.00 -44.57
N ILE A 278 33.22 -16.92 -45.06
CA ILE A 278 34.65 -16.66 -45.16
C ILE A 278 34.95 -15.66 -46.27
N ASP A 279 33.96 -15.35 -47.10
CA ASP A 279 34.08 -14.35 -48.13
C ASP A 279 33.48 -13.03 -47.68
N GLU A 280 33.09 -12.95 -46.41
CA GLU A 280 32.51 -11.77 -45.78
C GLU A 280 33.36 -11.55 -44.54
N ASP A 281 34.45 -10.79 -44.70
CA ASP A 281 35.56 -10.84 -43.75
C ASP A 281 35.10 -10.40 -42.36
N CYS A 282 35.34 -11.25 -41.37
CA CYS A 282 34.93 -10.95 -40.01
C CYS A 282 35.77 -9.82 -39.44
N LYS A 283 35.11 -8.75 -38.99
CA LYS A 283 35.77 -7.59 -38.42
C LYS A 283 35.79 -7.76 -36.90
N SER A 284 36.87 -8.36 -36.40
CA SER A 284 37.04 -8.58 -34.97
C SER A 284 37.58 -7.28 -34.37
N ASN A 285 36.65 -6.44 -33.93
CA ASN A 285 36.97 -5.14 -33.34
C ASN A 285 36.26 -4.98 -32.01
N ASN A 286 36.89 -4.25 -31.10
CA ASN A 286 36.34 -4.07 -29.76
C ASN A 286 35.01 -3.33 -29.82
N GLY A 287 33.94 -3.98 -29.37
CA GLY A 287 32.63 -3.39 -29.38
C GLY A 287 31.91 -3.47 -30.72
N ARG A 288 32.55 -4.01 -31.76
CA ARG A 288 31.99 -4.09 -33.10
C ARG A 288 32.20 -5.50 -33.64
N TRP A 289 31.38 -6.44 -33.19
CA TRP A 289 31.43 -7.80 -33.70
C TRP A 289 30.58 -7.84 -34.96
N HIS A 290 31.23 -7.94 -36.12
CA HIS A 290 30.53 -7.93 -37.39
C HIS A 290 31.45 -8.49 -38.47
N CYS A 291 30.87 -8.73 -39.64
CA CYS A 291 31.62 -9.18 -40.82
C CYS A 291 31.30 -8.26 -41.99
N GLN A 292 32.31 -8.00 -42.81
CA GLN A 292 32.15 -7.16 -43.99
C GLN A 292 33.18 -7.50 -45.06
N PHE B 1 3.87 9.20 -4.75
CA PHE B 1 3.19 10.27 -4.03
C PHE B 1 3.39 10.29 -2.52
N ALA B 2 3.85 11.44 -2.05
CA ALA B 2 4.02 11.68 -0.63
C ALA B 2 3.76 13.16 -0.40
N CYS B 3 3.30 13.48 0.80
CA CYS B 3 2.90 14.84 1.14
C CYS B 3 3.58 15.24 2.44
N LYS B 4 3.76 16.55 2.62
CA LYS B 4 4.28 17.03 3.89
C LYS B 4 3.68 18.40 4.19
N THR B 5 3.67 18.74 5.46
CA THR B 5 3.19 20.02 5.95
C THR B 5 4.30 21.06 5.95
N ALA B 6 3.89 22.32 6.05
CA ALA B 6 4.87 23.39 6.21
C ALA B 6 5.74 23.17 7.44
N ASN B 7 5.19 22.52 8.47
CA ASN B 7 5.91 22.23 9.70
C ASN B 7 6.73 20.94 9.62
N GLY B 8 6.71 20.24 8.48
CA GLY B 8 7.53 19.08 8.27
C GLY B 8 6.85 17.73 8.45
N THR B 9 5.68 17.70 9.09
CA THR B 9 4.97 16.43 9.27
C THR B 9 4.61 15.82 7.92
N ALA B 10 4.95 14.55 7.74
CA ALA B 10 4.83 13.86 6.46
C ALA B 10 4.08 12.55 6.62
N ILE B 11 3.51 12.09 5.53
CA ILE B 11 2.80 10.81 5.45
C ILE B 11 3.46 9.97 4.37
N PRO B 12 3.88 8.75 4.65
CA PRO B 12 4.60 7.95 3.66
C PRO B 12 3.64 7.38 2.61
N ILE B 13 4.23 6.68 1.64
CA ILE B 13 3.43 5.93 0.67
C ILE B 13 2.56 4.91 1.39
N GLY B 14 1.27 4.92 1.08
CA GLY B 14 0.33 4.05 1.77
C GLY B 14 -0.84 4.78 2.39
N GLY B 15 -0.69 6.09 2.56
CA GLY B 15 -1.72 6.89 3.18
C GLY B 15 -1.52 7.01 4.68
N GLY B 16 -2.45 7.68 5.32
CA GLY B 16 -2.29 7.94 6.75
C GLY B 16 -2.92 9.26 7.12
N SER B 17 -2.37 9.87 8.17
CA SER B 17 -2.85 11.14 8.67
C SER B 17 -1.66 11.98 9.14
N ALA B 18 -1.90 13.30 9.19
CA ALA B 18 -0.88 14.24 9.63
C ALA B 18 -1.56 15.43 10.28
N ASN B 19 -0.83 16.11 11.15
CA ASN B 19 -1.35 17.26 11.88
C ASN B 19 -0.87 18.54 11.21
N VAL B 20 -1.81 19.44 10.92
CA VAL B 20 -1.53 20.69 10.24
C VAL B 20 -1.86 21.83 11.20
N TYR B 21 -0.84 22.51 11.72
CA TYR B 21 -1.03 23.62 12.63
C TYR B 21 -1.09 24.92 11.83
N VAL B 22 -2.15 25.70 12.04
CA VAL B 22 -2.38 26.93 11.30
C VAL B 22 -2.58 28.08 12.27
N ASN B 23 -2.20 29.28 11.84
CA ASN B 23 -2.44 30.50 12.60
C ASN B 23 -3.79 31.10 12.22
N LEU B 24 -4.47 31.69 13.20
CA LEU B 24 -5.77 32.29 12.99
C LEU B 24 -5.78 33.70 13.55
N ALA B 25 -6.73 34.50 13.08
CA ALA B 25 -6.88 35.85 13.60
C ALA B 25 -7.27 35.80 15.08
N PRO B 26 -6.66 36.63 15.92
CA PRO B 26 -7.00 36.59 17.35
C PRO B 26 -8.37 37.15 17.66
N VAL B 27 -8.97 37.94 16.77
CA VAL B 27 -10.32 38.48 16.94
C VAL B 27 -10.94 38.60 15.55
N VAL B 28 -12.21 38.21 15.44
CA VAL B 28 -12.96 38.33 14.19
C VAL B 28 -14.39 38.73 14.53
N ASN B 29 -14.91 39.73 13.81
CA ASN B 29 -16.24 40.24 14.08
C ASN B 29 -17.30 39.41 13.35
N VAL B 30 -18.52 39.44 13.89
CA VAL B 30 -19.66 38.81 13.22
C VAL B 30 -19.87 39.47 11.87
N GLY B 31 -20.02 38.64 10.83
CA GLY B 31 -20.17 39.14 9.48
C GLY B 31 -18.88 39.23 8.67
N GLN B 32 -17.74 38.96 9.27
CA GLN B 32 -16.46 39.02 8.59
C GLN B 32 -15.90 37.61 8.42
N ASN B 33 -15.35 37.33 7.24
CA ASN B 33 -14.77 36.02 6.97
C ASN B 33 -13.46 35.85 7.74
N LEU B 34 -13.38 34.78 8.52
CA LEU B 34 -12.09 34.21 8.89
C LEU B 34 -11.54 33.41 7.71
N VAL B 35 -10.31 33.69 7.33
CA VAL B 35 -9.68 33.09 6.15
C VAL B 35 -8.55 32.18 6.63
N VAL B 36 -8.61 30.91 6.25
CA VAL B 36 -7.61 29.91 6.60
C VAL B 36 -7.03 29.42 5.28
N ASP B 37 -5.88 29.98 4.89
CA ASP B 37 -5.26 29.64 3.61
C ASP B 37 -4.42 28.38 3.79
N LEU B 38 -5.03 27.23 3.52
CA LEU B 38 -4.38 25.94 3.74
C LEU B 38 -3.46 25.56 2.59
N SER B 39 -3.47 26.32 1.50
CA SER B 39 -2.56 26.08 0.38
C SER B 39 -1.11 26.32 0.76
N THR B 40 -0.86 27.15 1.77
CA THR B 40 0.49 27.38 2.27
C THR B 40 0.93 26.33 3.29
N GLN B 41 0.04 25.44 3.71
CA GLN B 41 0.32 24.52 4.81
C GLN B 41 0.43 23.06 4.39
N ILE B 42 -0.09 22.69 3.22
CA ILE B 42 -0.12 21.29 2.79
C ILE B 42 0.45 21.20 1.38
N PHE B 43 1.48 20.37 1.22
CA PHE B 43 2.18 20.22 -0.05
C PHE B 43 2.31 18.75 -0.39
N CYS B 44 2.15 18.43 -1.68
CA CYS B 44 2.24 17.07 -2.18
C CYS B 44 3.09 17.06 -3.45
N HIS B 45 3.53 15.88 -3.85
CA HIS B 45 4.32 15.75 -5.07
C HIS B 45 4.06 14.41 -5.73
N ASN B 46 4.46 14.33 -7.00
CA ASN B 46 4.39 13.10 -7.77
C ASN B 46 5.73 12.37 -7.70
N ASP B 47 5.68 11.09 -7.32
CA ASP B 47 6.91 10.32 -7.18
C ASP B 47 7.39 9.71 -8.49
N TYR B 48 6.52 9.57 -9.48
CA TYR B 48 6.89 9.01 -10.78
C TYR B 48 6.02 9.65 -11.87
N PRO B 49 6.25 10.94 -12.15
CA PRO B 49 5.38 11.65 -13.11
C PRO B 49 5.70 11.36 -14.57
N GLU B 50 6.68 10.51 -14.86
CA GLU B 50 7.00 10.20 -16.25
C GLU B 50 5.90 9.40 -16.93
N THR B 51 5.09 8.65 -16.17
CA THR B 51 4.06 7.81 -16.77
C THR B 51 2.69 8.04 -16.13
N ILE B 52 2.55 7.59 -14.88
CA ILE B 52 1.25 7.66 -14.21
C ILE B 52 0.82 9.11 -14.04
N THR B 53 -0.47 9.37 -14.25
CA THR B 53 -1.04 10.69 -14.04
C THR B 53 -2.05 10.57 -12.90
N ASP B 54 -1.75 11.22 -11.79
CA ASP B 54 -2.56 11.12 -10.58
C ASP B 54 -3.60 12.23 -10.52
N TYR B 55 -4.77 11.89 -9.99
CA TYR B 55 -5.86 12.84 -9.76
C TYR B 55 -6.19 12.88 -8.27
N VAL B 56 -6.32 14.09 -7.73
CA VAL B 56 -6.49 14.31 -6.30
C VAL B 56 -7.77 15.12 -6.08
N THR B 57 -8.64 14.64 -5.21
CA THR B 57 -9.88 15.32 -4.86
C THR B 57 -9.95 15.54 -3.35
N LEU B 58 -10.82 16.46 -2.96
CA LEU B 58 -11.30 16.56 -1.57
C LEU B 58 -12.61 15.79 -1.51
N GLN B 59 -12.57 14.60 -0.92
CA GLN B 59 -13.77 13.77 -0.85
C GLN B 59 -14.77 14.29 0.18
N ARG B 60 -14.29 14.81 1.31
CA ARG B 60 -15.16 15.33 2.35
C ARG B 60 -14.45 16.40 3.15
N GLY B 61 -15.12 17.54 3.34
CA GLY B 61 -14.67 18.54 4.29
C GLY B 61 -15.72 18.81 5.34
N ALA B 62 -15.37 18.71 6.61
CA ALA B 62 -16.31 18.85 7.71
C ALA B 62 -15.73 19.75 8.79
N ALA B 63 -16.61 20.54 9.41
CA ALA B 63 -16.20 21.45 10.47
C ALA B 63 -16.11 20.72 11.80
N TYR B 64 -15.12 21.10 12.61
CA TYR B 64 -14.92 20.50 13.92
C TYR B 64 -14.63 21.57 14.95
N GLY B 65 -14.82 21.22 16.22
CA GLY B 65 -14.44 22.11 17.31
C GLY B 65 -15.29 23.36 17.35
N GLY B 66 -14.63 24.51 17.53
CA GLY B 66 -15.35 25.76 17.58
C GLY B 66 -15.96 26.17 16.26
N VAL B 67 -15.39 25.70 15.15
CA VAL B 67 -15.94 26.04 13.84
C VAL B 67 -17.29 25.37 13.62
N LEU B 68 -17.43 24.13 14.09
CA LEU B 68 -18.68 23.40 13.90
C LEU B 68 -19.84 24.02 14.66
N SER B 69 -19.58 24.66 15.80
CA SER B 69 -20.65 25.16 16.65
C SER B 69 -20.82 26.67 16.64
N SER B 70 -19.79 27.43 16.27
CA SER B 70 -19.86 28.88 16.31
C SER B 70 -19.56 29.54 14.97
N PHE B 71 -19.32 28.78 13.91
CA PHE B 71 -18.98 29.34 12.62
C PHE B 71 -19.76 28.65 11.51
N SER B 72 -19.91 29.35 10.40
CA SER B 72 -20.33 28.77 9.13
C SER B 72 -19.54 29.41 8.01
N GLY B 73 -19.37 28.69 6.92
CA GLY B 73 -18.56 29.22 5.83
C GLY B 73 -18.52 28.31 4.63
N THR B 74 -17.51 28.54 3.79
CA THR B 74 -17.31 27.81 2.55
C THR B 74 -15.84 27.42 2.44
N VAL B 75 -15.57 26.43 1.58
CA VAL B 75 -14.20 26.02 1.27
C VAL B 75 -13.93 26.32 -0.20
N LYS B 76 -12.87 27.09 -0.46
CA LYS B 76 -12.43 27.40 -1.81
C LYS B 76 -11.45 26.32 -2.27
N TYR B 77 -11.89 25.47 -3.18
CA TYR B 77 -11.07 24.37 -3.68
C TYR B 77 -10.77 24.59 -5.15
N ASN B 78 -9.48 24.70 -5.48
CA ASN B 78 -9.00 24.92 -6.85
C ASN B 78 -9.61 26.19 -7.46
N GLY B 79 -9.85 27.22 -6.66
CA GLY B 79 -10.38 28.47 -7.14
C GLY B 79 -11.89 28.58 -7.14
N SER B 80 -12.62 27.49 -6.90
CA SER B 80 -14.06 27.49 -6.88
C SER B 80 -14.56 27.29 -5.46
N SER B 81 -15.68 27.94 -5.13
CA SER B 81 -16.23 27.88 -3.79
C SER B 81 -17.25 26.74 -3.69
N TYR B 82 -17.23 26.05 -2.56
CA TYR B 82 -18.14 24.96 -2.27
C TYR B 82 -18.62 25.10 -0.83
N PRO B 83 -19.79 24.55 -0.50
CA PRO B 83 -20.29 24.65 0.87
C PRO B 83 -19.35 23.97 1.86
N PHE B 84 -19.35 24.45 3.09
CA PHE B 84 -18.60 23.85 4.18
C PHE B 84 -19.53 23.74 5.38
N PRO B 85 -19.78 22.53 5.90
CA PRO B 85 -19.26 21.21 5.49
C PRO B 85 -19.64 20.81 4.07
N THR B 86 -18.78 20.05 3.41
CA THR B 86 -18.97 19.74 2.00
C THR B 86 -20.09 18.72 1.81
N THR B 87 -20.84 18.89 0.71
CA THR B 87 -21.90 17.97 0.33
C THR B 87 -21.60 17.20 -0.94
N SER B 88 -20.45 17.46 -1.57
CA SER B 88 -20.10 16.79 -2.81
C SER B 88 -18.58 16.70 -2.91
N GLU B 89 -18.11 15.72 -3.68
CA GLU B 89 -16.69 15.59 -3.96
C GLU B 89 -16.23 16.68 -4.93
N THR B 90 -15.05 17.23 -4.65
CA THR B 90 -14.50 18.32 -5.44
C THR B 90 -13.79 17.76 -6.68
N PRO B 91 -13.61 18.58 -7.72
CA PRO B 91 -12.96 18.10 -8.94
C PRO B 91 -11.55 17.59 -8.71
N ARG B 92 -11.09 16.78 -9.65
CA ARG B 92 -9.76 16.20 -9.58
C ARG B 92 -8.69 17.27 -9.81
N VAL B 93 -7.61 17.21 -9.03
CA VAL B 93 -6.44 18.05 -9.25
C VAL B 93 -5.29 17.17 -9.73
N VAL B 94 -4.69 17.57 -10.86
CA VAL B 94 -3.59 16.83 -11.44
C VAL B 94 -2.27 17.26 -10.79
N TYR B 95 -1.50 16.28 -10.30
CA TYR B 95 -0.14 16.50 -9.84
C TYR B 95 0.79 15.78 -10.79
N ASN B 96 1.64 16.54 -11.48
CA ASN B 96 2.48 15.98 -12.54
C ASN B 96 3.95 16.36 -12.39
N SER B 97 4.42 16.60 -11.16
CA SER B 97 5.80 17.00 -10.97
C SER B 97 6.31 16.50 -9.63
N ARG B 98 7.61 16.17 -9.60
CA ARG B 98 8.26 15.81 -8.35
C ARG B 98 8.41 17.02 -7.44
N THR B 99 8.47 18.22 -8.00
CA THR B 99 8.46 19.44 -7.20
C THR B 99 7.15 19.54 -6.42
N ASP B 100 7.25 19.71 -5.11
CA ASP B 100 6.07 19.77 -4.28
C ASP B 100 5.20 20.96 -4.68
N LYS B 101 3.90 20.72 -4.76
CA LYS B 101 2.95 21.76 -5.15
C LYS B 101 1.88 21.93 -4.07
N PRO B 102 1.40 23.16 -3.88
CA PRO B 102 0.34 23.38 -2.88
C PRO B 102 -0.91 22.58 -3.18
N TRP B 103 -1.62 22.21 -2.12
CA TRP B 103 -2.97 21.69 -2.24
C TRP B 103 -3.94 22.87 -2.19
N PRO B 104 -4.64 23.19 -3.28
CA PRO B 104 -5.37 24.47 -3.32
C PRO B 104 -6.67 24.45 -2.53
N VAL B 105 -6.57 24.72 -1.24
CA VAL B 105 -7.71 24.72 -0.32
C VAL B 105 -7.62 25.94 0.57
N ALA B 106 -8.70 26.73 0.62
CA ALA B 106 -8.80 27.84 1.56
C ALA B 106 -10.18 27.85 2.18
N LEU B 107 -10.23 28.03 3.50
CA LEU B 107 -11.48 28.09 4.23
C LEU B 107 -11.87 29.54 4.49
N TYR B 108 -13.13 29.87 4.22
CA TYR B 108 -13.69 31.20 4.46
C TYR B 108 -14.82 31.03 5.45
N LEU B 109 -14.57 31.32 6.73
CA LEU B 109 -15.47 30.97 7.81
C LEU B 109 -16.00 32.24 8.48
N THR B 110 -17.33 32.38 8.50
CA THR B 110 -18.00 33.55 9.03
C THR B 110 -18.66 33.18 10.35
N PRO B 111 -18.37 33.87 11.45
CA PRO B 111 -19.01 33.53 12.72
C PRO B 111 -20.52 33.73 12.68
N VAL B 112 -21.22 32.90 13.45
CA VAL B 112 -22.65 33.08 13.68
C VAL B 112 -22.83 34.01 14.88
N SER B 113 -24.05 34.50 15.08
CA SER B 113 -24.34 35.35 16.24
C SER B 113 -23.95 34.64 17.53
N SER B 114 -23.33 35.40 18.44
CA SER B 114 -22.71 34.81 19.61
C SER B 114 -22.88 35.77 20.79
N ALA B 115 -22.96 35.18 21.99
CA ALA B 115 -23.01 35.99 23.20
C ALA B 115 -21.68 36.67 23.51
N GLY B 116 -20.59 36.20 22.90
CA GLY B 116 -19.27 36.79 23.09
C GLY B 116 -18.33 35.82 23.79
N GLY B 117 -17.05 36.19 23.71
CA GLY B 117 -15.98 35.41 24.33
C GLY B 117 -15.16 34.67 23.30
N VAL B 118 -14.38 33.71 23.80
CA VAL B 118 -13.48 32.93 22.94
C VAL B 118 -14.29 31.81 22.29
N ALA B 119 -14.40 31.86 20.97
CA ALA B 119 -15.13 30.84 20.22
C ALA B 119 -14.27 29.63 19.89
N ILE B 120 -13.00 29.85 19.55
CA ILE B 120 -12.06 28.78 19.22
C ILE B 120 -10.91 28.83 20.20
N LYS B 121 -10.68 27.74 20.91
CA LYS B 121 -9.62 27.67 21.90
C LYS B 121 -8.35 27.09 21.28
N ALA B 122 -7.20 27.55 21.77
CA ALA B 122 -5.93 27.04 21.29
C ALA B 122 -5.82 25.53 21.55
N GLY B 123 -5.26 24.82 20.58
CA GLY B 123 -5.10 23.39 20.68
C GLY B 123 -6.30 22.58 20.25
N SER B 124 -7.41 23.22 19.89
CA SER B 124 -8.61 22.50 19.48
C SER B 124 -8.57 22.16 18.00
N LEU B 125 -9.18 21.04 17.67
CA LEU B 125 -9.33 20.61 16.27
C LEU B 125 -10.41 21.44 15.60
N ILE B 126 -10.04 22.17 14.55
CA ILE B 126 -10.98 23.07 13.88
C ILE B 126 -11.50 22.50 12.56
N ALA B 127 -10.83 21.50 11.98
CA ALA B 127 -11.28 20.92 10.73
C ALA B 127 -10.57 19.59 10.51
N VAL B 128 -11.22 18.72 9.74
CA VAL B 128 -10.62 17.48 9.26
C VAL B 128 -10.86 17.38 7.76
N LEU B 129 -9.78 17.15 7.01
CA LEU B 129 -9.84 17.06 5.56
C LEU B 129 -9.37 15.69 5.12
N ILE B 130 -10.16 15.02 4.29
CA ILE B 130 -9.81 13.72 3.72
C ILE B 130 -9.38 13.93 2.28
N LEU B 131 -8.08 13.83 2.03
CA LEU B 131 -7.55 13.89 0.68
C LEU B 131 -7.71 12.53 0.01
N ARG B 132 -8.33 12.52 -1.16
CA ARG B 132 -8.54 11.31 -1.95
C ARG B 132 -7.72 11.40 -3.22
N GLN B 133 -6.94 10.36 -3.49
CA GLN B 133 -6.10 10.30 -4.67
C GLN B 133 -6.54 9.17 -5.59
N THR B 134 -6.72 9.48 -6.87
CA THR B 134 -6.97 8.50 -7.91
C THR B 134 -6.00 8.76 -9.05
N ASN B 135 -5.96 7.83 -10.00
CA ASN B 135 -5.11 8.01 -11.18
C ASN B 135 -5.80 7.40 -12.40
N ASN B 136 -5.13 7.49 -13.54
CA ASN B 136 -5.59 6.86 -14.77
C ASN B 136 -4.80 5.60 -15.08
N TYR B 137 -4.10 5.05 -14.08
CA TYR B 137 -3.25 3.88 -14.23
C TYR B 137 -3.85 2.63 -13.61
N ASN B 138 -4.43 2.72 -12.41
CA ASN B 138 -4.98 1.56 -11.72
C ASN B 138 -5.93 2.05 -10.64
N SER B 139 -6.26 1.17 -9.70
CA SER B 139 -7.15 1.47 -8.58
C SER B 139 -6.40 1.95 -7.34
N ASP B 140 -5.57 2.99 -7.48
CA ASP B 140 -5.00 3.64 -6.31
C ASP B 140 -6.04 4.56 -5.68
N ASP B 141 -6.31 4.36 -4.39
CA ASP B 141 -7.26 5.18 -3.63
C ASP B 141 -6.72 5.32 -2.20
N PHE B 142 -5.86 6.30 -1.99
CA PHE B 142 -5.19 6.50 -0.70
C PHE B 142 -5.83 7.68 0.01
N GLN B 143 -6.01 7.54 1.32
CA GLN B 143 -6.59 8.59 2.14
C GLN B 143 -5.51 9.29 2.95
N PHE B 144 -5.46 10.61 2.83
CA PHE B 144 -4.54 11.47 3.58
C PHE B 144 -5.37 12.39 4.48
N VAL B 145 -5.35 12.15 5.78
CA VAL B 145 -6.22 12.83 6.73
C VAL B 145 -5.45 14.00 7.32
N TRP B 146 -6.00 15.20 7.19
CA TRP B 146 -5.36 16.43 7.66
C TRP B 146 -6.16 16.94 8.86
N ASN B 147 -5.53 16.91 10.03
CA ASN B 147 -6.14 17.38 11.27
C ASN B 147 -5.72 18.83 11.51
N ILE B 148 -6.67 19.76 11.37
CA ILE B 148 -6.38 21.18 11.39
C ILE B 148 -6.62 21.69 12.80
N TYR B 149 -5.58 22.24 13.42
CA TYR B 149 -5.65 22.75 14.79
C TYR B 149 -5.33 24.24 14.81
N ALA B 150 -5.94 24.94 15.75
CA ALA B 150 -5.70 26.36 15.94
C ALA B 150 -4.48 26.57 16.83
N ASN B 151 -3.58 27.45 16.42
CA ASN B 151 -2.45 27.84 17.26
C ASN B 151 -2.83 28.86 18.32
N ASN B 152 -3.92 29.60 18.14
CA ASN B 152 -4.25 30.71 19.02
C ASN B 152 -5.76 30.77 19.23
N ASP B 153 -6.17 31.63 20.16
CA ASP B 153 -7.57 31.82 20.47
C ASP B 153 -8.19 32.83 19.50
N VAL B 154 -9.48 32.65 19.22
CA VAL B 154 -10.23 33.54 18.35
C VAL B 154 -11.40 34.11 19.16
N VAL B 155 -11.37 35.42 19.40
CA VAL B 155 -12.45 36.11 20.10
C VAL B 155 -13.49 36.56 19.08
N VAL B 156 -14.75 36.26 19.36
CA VAL B 156 -15.87 36.80 18.60
C VAL B 156 -16.61 37.81 19.48
N PRO B 157 -16.47 39.11 19.23
CA PRO B 157 -17.17 40.10 20.04
C PRO B 157 -18.68 39.94 19.95
N THR B 158 -19.37 40.44 20.99
CA THR B 158 -20.82 40.39 21.03
C THR B 158 -21.43 41.08 19.82
N GLY B 159 -22.36 40.40 19.16
CA GLY B 159 -22.99 40.94 17.96
C GLY B 159 -23.88 39.95 17.25
C1 NAG C . -10.30 -14.09 42.86
C2 NAG C . -9.01 -14.43 42.12
C3 NAG C . -7.85 -13.66 42.73
C4 NAG C . -8.14 -12.16 42.69
C5 NAG C . -9.44 -11.88 43.45
C6 NAG C . -9.87 -10.44 43.38
C7 NAG C . -8.56 -16.59 41.03
C8 NAG C . -8.65 -15.85 39.73
N2 NAG C . -8.75 -15.86 42.14
O3 NAG C . -6.65 -13.94 42.01
O4 NAG C . -7.04 -11.45 43.24
O5 NAG C . -10.51 -12.66 42.88
O6 NAG C . -10.77 -10.23 42.30
O7 NAG C . -8.34 -17.79 41.09
C1 NAG C . -6.50 -10.38 42.40
C2 NAG C . -6.87 -10.46 40.90
C3 NAG C . -6.31 -9.25 40.17
C4 NAG C . -6.80 -7.96 40.83
C5 NAG C . -6.47 -7.98 42.33
C6 NAG C . -7.04 -6.79 43.06
C7 NAG C . -7.08 -12.44 39.43
C8 NAG C . -8.46 -11.94 39.11
N2 NAG C . -6.37 -11.69 40.30
O3 NAG C . -6.71 -9.28 38.81
O4 NAG C . -6.17 -6.84 40.23
O5 NAG C . -7.02 -9.15 42.94
O6 NAG C . -8.35 -7.06 43.54
O7 NAG C . -6.64 -13.46 38.95
C1 FUC C . -11.56 -9.05 42.56
C2 FUC C . -11.47 -8.13 41.35
C3 FUC C . -12.01 -8.84 40.12
C4 FUC C . -13.47 -9.29 40.38
C5 FUC C . -13.53 -10.09 41.69
C6 FUC C . -14.95 -10.45 42.12
O2 FUC C . -10.14 -7.67 41.12
O3 FUC C . -12.02 -7.97 38.99
O4 FUC C . -14.32 -8.16 40.45
O5 FUC C . -12.91 -9.39 42.79
C1 NAG D . -6.60 -3.73 31.34
C2 NAG D . -6.18 -4.52 32.58
C3 NAG D . -4.74 -4.17 32.93
C4 NAG D . -3.84 -4.37 31.71
C5 NAG D . -4.43 -3.60 30.53
C6 NAG D . -3.64 -3.78 29.25
C7 NAG D . -7.23 -5.08 34.74
C8 NAG D . -8.15 -4.60 35.81
N2 NAG D . -7.04 -4.22 33.72
O3 NAG D . -4.28 -4.98 34.00
O4 NAG D . -2.53 -3.87 31.99
O5 NAG D . -5.75 -4.09 30.27
O6 NAG D . -4.48 -4.22 28.19
O7 NAG D . -6.68 -6.17 34.78
C1 NAG D . -1.58 -4.94 32.06
C2 NAG D . -0.19 -4.36 31.74
C3 NAG D . 0.89 -5.44 31.88
C4 NAG D . 0.80 -6.09 33.26
C5 NAG D . -0.60 -6.63 33.48
C6 NAG D . -0.79 -7.22 34.86
C7 NAG D . -0.39 -2.49 30.17
C8 NAG D . -0.31 -2.05 28.74
N2 NAG D . -0.15 -3.78 30.41
O3 NAG D . 2.17 -4.83 31.71
O4 NAG D . 1.74 -7.16 33.34
O5 NAG D . -1.56 -5.58 33.35
O6 NAG D . -0.57 -6.25 35.87
O7 NAG D . -0.66 -1.71 31.07
C1 NAG E . 20.70 8.54 -26.26
C2 NAG E . 22.16 8.31 -26.61
C3 NAG E . 22.85 9.66 -26.81
C4 NAG E . 22.07 10.53 -27.79
C5 NAG E . 20.58 10.56 -27.44
C6 NAG E . 19.73 11.23 -28.50
C7 NAG E . 23.43 6.36 -25.80
C8 NAG E . 23.35 5.84 -27.21
N2 NAG E . 22.85 7.54 -25.58
O3 NAG E . 24.18 9.45 -27.29
O4 NAG E . 22.61 11.85 -27.79
O5 NAG E . 20.08 9.22 -27.31
O6 NAG E . 19.01 12.31 -27.96
O7 NAG E . 23.99 5.74 -24.92
C1 NAG E . 22.31 12.48 -26.51
C2 NAG E . 23.56 13.14 -25.93
C3 NAG E . 23.21 13.75 -24.58
C4 NAG E . 22.07 14.74 -24.76
C5 NAG E . 20.88 14.07 -25.43
C6 NAG E . 19.74 15.01 -25.73
C7 NAG E . 25.70 12.13 -26.61
C8 NAG E . 25.72 13.15 -27.71
N2 NAG E . 24.64 12.18 -25.78
O3 NAG E . 24.35 14.40 -24.04
O4 NAG E . 21.63 15.18 -23.48
O5 NAG E . 21.29 13.48 -26.68
O6 NAG E . 20.22 16.30 -26.08
O7 NAG E . 26.60 11.31 -26.46
C1 BMA E . 21.93 16.58 -23.32
C2 BMA E . 22.27 16.77 -21.86
C3 BMA E . 22.48 18.25 -21.67
C4 BMA E . 23.69 18.69 -22.49
C5 BMA E . 23.50 18.31 -23.99
C6 BMA E . 24.78 18.39 -24.82
O2 BMA E . 23.50 16.14 -21.54
O3 BMA E . 22.65 18.59 -20.29
O4 BMA E . 23.84 20.10 -22.38
O5 BMA E . 23.03 16.96 -24.13
O6 BMA E . 25.45 17.12 -24.75
C1 MAN E . 21.40 18.36 -19.57
C2 MAN E . 20.31 19.29 -20.16
C3 MAN E . 20.64 20.74 -19.87
C4 MAN E . 20.97 20.97 -18.37
C5 MAN E . 22.02 19.97 -17.87
C6 MAN E . 22.22 20.02 -16.37
O2 MAN E . 19.01 19.08 -19.55
O3 MAN E . 19.59 21.61 -20.26
O4 MAN E . 21.44 22.29 -18.17
O5 MAN E . 21.60 18.62 -18.19
O6 MAN E . 21.01 19.59 -15.75
C1 NAG E . 18.24 17.95 -20.06
C2 NAG E . 18.45 17.74 -21.56
C3 NAG E . 17.66 16.52 -22.05
C4 NAG E . 17.92 15.29 -21.17
C5 NAG E . 17.79 15.63 -19.69
C6 NAG E . 18.23 14.51 -18.77
C7 NAG E . 18.63 19.28 -23.46
C8 NAG E . 18.10 20.53 -24.10
N2 NAG E . 18.05 18.92 -22.32
O3 NAG E . 18.00 16.24 -23.40
O4 NAG E . 16.97 14.29 -21.51
O5 NAG E . 18.61 16.76 -19.35
O6 NAG E . 18.40 14.97 -17.44
O7 NAG E . 19.55 18.64 -23.97
C1 GAL E . 17.55 13.00 -21.78
C2 GAL E . 16.87 12.40 -23.04
C3 GAL E . 17.37 10.97 -23.20
C4 GAL E . 18.87 10.98 -23.44
C5 GAL E . 19.55 11.72 -22.27
C6 GAL E . 21.04 11.95 -22.48
O2 GAL E . 15.47 12.35 -22.91
O3 GAL E . 16.73 10.30 -24.27
O4 GAL E . 19.14 11.65 -24.66
O5 GAL E . 18.97 13.03 -22.03
O6 GAL E . 21.72 10.74 -22.77
C1 MAN E . 26.50 17.12 -23.75
C2 MAN E . 27.59 18.16 -24.19
C3 MAN E . 28.27 17.64 -25.45
C4 MAN E . 28.80 16.21 -25.23
C5 MAN E . 27.66 15.27 -24.78
C6 MAN E . 28.17 13.89 -24.40
O2 MAN E . 28.64 18.32 -23.21
O3 MAN E . 29.34 18.49 -25.83
O4 MAN E . 29.37 15.72 -26.43
O5 MAN E . 27.05 15.82 -23.61
O6 MAN E . 27.04 13.10 -24.06
C1 NAG E . 28.26 19.07 -22.01
C2 NAG E . 27.34 20.25 -22.37
C3 NAG E . 26.82 20.95 -21.10
C4 NAG E . 26.42 19.97 -19.99
C5 NAG E . 27.37 18.79 -19.86
C6 NAG E . 26.84 17.69 -18.96
C7 NAG E . 29.09 21.90 -22.92
C8 NAG E . 29.62 22.83 -23.97
N2 NAG E . 28.00 21.20 -23.24
O3 NAG E . 25.70 21.75 -21.45
O4 NAG E . 26.37 20.66 -18.74
O5 NAG E . 27.60 18.20 -21.14
O6 NAG E . 26.39 16.58 -19.71
O7 NAG E . 29.64 21.79 -21.83
C1 NAG F . 9.79 -3.28 -14.37
C2 NAG F . 8.72 -3.45 -13.30
C3 NAG F . 7.42 -2.92 -13.88
C4 NAG F . 7.63 -1.45 -14.19
C5 NAG F . 8.74 -1.36 -15.25
C6 NAG F . 9.05 0.05 -15.69
C7 NAG F . 8.16 -5.83 -13.70
C8 NAG F . 8.06 -7.19 -13.06
N2 NAG F . 8.57 -4.84 -12.89
O3 NAG F . 6.37 -3.07 -12.93
O4 NAG F . 6.44 -0.91 -14.73
O5 NAG F . 9.94 -1.88 -14.65
O6 NAG F . 9.69 0.06 -16.95
O7 NAG F . 7.90 -5.66 -14.88
C1 NAG F . 5.97 0.26 -14.00
C2 NAG F . 4.95 -0.17 -12.94
C3 NAG F . 4.47 1.03 -12.15
C4 NAG F . 5.65 1.79 -11.55
C5 NAG F . 6.67 2.14 -12.61
C6 NAG F . 7.93 2.74 -12.05
C7 NAG F . 3.49 -2.12 -13.30
C8 NAG F . 2.30 -2.66 -14.03
N2 NAG F . 3.82 -0.85 -13.56
O3 NAG F . 3.59 0.60 -11.13
O4 NAG F . 5.17 3.02 -11.02
O5 NAG F . 7.07 0.97 -13.35
O6 NAG F . 8.46 1.92 -11.03
O7 NAG F . 4.11 -2.79 -12.48
C1 BMA F . 5.47 3.33 -9.63
C2 BMA F . 4.09 3.49 -8.96
C3 BMA F . 4.30 3.95 -7.54
C4 BMA F . 5.16 2.94 -6.79
C5 BMA F . 6.50 2.80 -7.53
C6 BMA F . 7.46 1.85 -6.81
O2 BMA F . 3.42 2.25 -8.89
O3 BMA F . 3.06 4.13 -6.86
O4 BMA F . 5.39 3.37 -5.46
O5 BMA F . 6.26 2.35 -8.91
O6 BMA F . 8.83 2.03 -7.27
C1 MAN F . 9.11 3.41 -7.62
C2 MAN F . 10.55 3.47 -8.21
C3 MAN F . 11.56 3.15 -7.12
C4 MAN F . 11.37 4.13 -5.95
C5 MAN F . 9.92 4.04 -5.43
C6 MAN F . 9.65 5.02 -4.31
O2 MAN F . 10.86 4.78 -8.67
O3 MAN F . 12.89 3.23 -7.59
O4 MAN F . 12.27 3.81 -4.90
O5 MAN F . 9.01 4.32 -6.51
O6 MAN F . 10.29 4.54 -3.13
C1 MAN F . 13.55 1.98 -7.28
C2 MAN F . 15.08 2.15 -7.47
C3 MAN F . 15.37 2.47 -8.93
C4 MAN F . 14.81 1.34 -9.80
C5 MAN F . 13.29 1.21 -9.53
C6 MAN F . 12.64 0.10 -10.34
O2 MAN F . 15.78 0.95 -7.18
O3 MAN F . 16.76 2.60 -9.17
O4 MAN F . 15.05 1.61 -11.17
O5 MAN F . 13.07 0.94 -8.12
O6 MAN F . 11.23 0.16 -10.12
C1 MAN F . 9.68 3.28 -2.77
C2 MAN F . 9.11 3.41 -1.34
C3 MAN F . 10.25 3.64 -0.35
C4 MAN F . 11.26 2.49 -0.49
C5 MAN F . 11.77 2.41 -1.95
C6 MAN F . 12.73 1.26 -2.16
O2 MAN F . 8.47 2.20 -0.94
O3 MAN F . 9.77 3.68 0.98
O4 MAN F . 12.37 2.73 0.37
O5 MAN F . 10.64 2.23 -2.84
O6 MAN F . 13.20 1.31 -3.50
C1 MAN F . 3.04 5.48 -6.33
C2 MAN F . 1.69 5.72 -5.61
C3 MAN F . 0.55 5.73 -6.61
C4 MAN F . 0.83 6.77 -7.71
C5 MAN F . 2.19 6.50 -8.37
C6 MAN F . 2.55 7.54 -9.40
O2 MAN F . 1.67 7.00 -4.98
O3 MAN F . -0.70 6.03 -6.00
O4 MAN F . -0.18 6.73 -8.70
O5 MAN F . 3.23 6.46 -7.36
O6 MAN F . 2.73 8.79 -8.73
#